data_7RXQ
#
_entry.id   7RXQ
#
_cell.length_a   116.394
_cell.length_b   30.381
_cell.length_c   96.679
_cell.angle_alpha   90.000
_cell.angle_beta   115.960
_cell.angle_gamma   90.000
#
_symmetry.space_group_name_H-M   'C 1 2 1'
#
loop_
_entity.id
_entity.type
_entity.pdbx_description
1 polymer 'Junctophilin-2 N-terminal fragment'
2 polymer 'Voltage-dependent L-type calcium channel subunit alpha-1S'
3 non-polymer ETHANOL
4 non-polymer 'SULFATE ION'
5 water water
#
loop_
_entity_poly.entity_id
_entity_poly.type
_entity_poly.pdbx_seq_one_letter_code
_entity_poly.pdbx_strand_id
1 'polypeptide(L)'
;SNAMSGGRFDFDDGGAYCGGWEGGKAHGHGLCTGPKGQGEYSGSWNFGFEVAGVYTWPSGNTFEGYWSQGKRHGLGIETK
GRWLYKGEWTHGFKGRYGIRQSSSSGAKYEGTWNNGLQDGYGTETYADGGTYQGQFTNGMRHGYGVRQSVPYGMAVVVRS
PLRTEAAPFEADIDATTTETYMGEWKNDKRSGFGVSERSSGLRYEGEWLDNLRHGYGCTTLPDGHREEGKYRHNVLVKDT
KRRMLQLKSNKVRQKVEHSVEGAQRAAAIARQKAEIAASRTSHAKAKAEAAEQAALAANQESNIARTLARELAPDFYQPG
PEYQKRR
;
A
2 'polypeptide(L)' EERIFRRTGGLFGQVD B
#
# COMPACT_ATOMS: atom_id res chain seq x y z
N MET A 4 -14.08 -25.22 23.36
CA MET A 4 -14.74 -25.91 24.47
C MET A 4 -14.81 -25.03 25.72
N SER A 5 -13.71 -24.33 26.01
CA SER A 5 -13.67 -23.43 27.14
C SER A 5 -13.26 -22.03 26.69
N GLY A 6 -13.42 -21.08 27.58
CA GLY A 6 -13.14 -19.69 27.30
C GLY A 6 -13.50 -18.85 28.50
N GLY A 7 -13.37 -17.55 28.34
CA GLY A 7 -13.72 -16.65 29.42
C GLY A 7 -13.11 -15.29 29.20
N ARG A 8 -12.98 -14.55 30.28
CA ARG A 8 -12.41 -13.22 30.24
C ARG A 8 -11.13 -13.24 31.06
N PHE A 9 -10.07 -12.69 30.51
CA PHE A 9 -8.83 -12.56 31.25
C PHE A 9 -8.40 -11.09 31.23
N ASP A 10 -8.32 -10.49 32.42
CA ASP A 10 -7.99 -9.07 32.54
C ASP A 10 -6.50 -8.89 32.76
N PHE A 11 -5.89 -8.01 31.98
CA PHE A 11 -4.48 -7.71 32.16
C PHE A 11 -4.29 -6.52 33.08
N ASP A 12 -3.12 -6.45 33.72
CA ASP A 12 -2.86 -5.39 34.68
C ASP A 12 -2.69 -4.03 34.04
N ASP A 13 -2.64 -3.98 32.70
N ASP A 13 -2.68 -3.93 32.72
CA ASP A 13 -2.58 -2.73 31.94
CA ASP A 13 -2.57 -2.64 32.06
C ASP A 13 -3.93 -2.02 31.84
C ASP A 13 -3.94 -2.09 31.64
N GLY A 14 -5.03 -2.75 32.01
CA GLY A 14 -6.36 -2.28 31.69
C GLY A 14 -6.99 -2.99 30.50
N GLY A 15 -6.20 -3.62 29.65
CA GLY A 15 -6.74 -4.43 28.57
C GLY A 15 -7.22 -5.77 29.08
N ALA A 16 -7.73 -6.59 28.14
CA ALA A 16 -8.31 -7.88 28.47
C ALA A 16 -8.46 -8.68 27.20
N TYR A 17 -8.43 -10.01 27.36
CA TYR A 17 -8.81 -10.95 26.31
C TYR A 17 -10.12 -11.58 26.73
N CYS A 18 -11.07 -11.66 25.80
N CYS A 18 -11.09 -11.59 25.81
CA CYS A 18 -12.34 -12.32 26.10
CA CYS A 18 -12.37 -12.28 26.02
C CYS A 18 -12.74 -13.17 24.90
C CYS A 18 -12.62 -13.18 24.83
N GLY A 19 -12.71 -14.48 25.08
CA GLY A 19 -12.98 -15.39 23.97
C GLY A 19 -12.56 -16.81 24.34
N GLY A 20 -12.40 -17.62 23.30
CA GLY A 20 -12.04 -19.00 23.51
C GLY A 20 -10.57 -19.15 23.83
N TRP A 21 -10.26 -20.22 24.57
CA TRP A 21 -8.88 -20.65 24.75
C TRP A 21 -8.87 -22.16 24.87
N GLU A 22 -7.75 -22.74 24.44
CA GLU A 22 -7.53 -24.17 24.54
C GLU A 22 -6.05 -24.40 24.82
N GLY A 23 -5.75 -25.24 25.80
CA GLY A 23 -4.35 -25.50 26.12
C GLY A 23 -3.59 -24.28 26.60
N GLY A 24 -4.30 -23.32 27.22
CA GLY A 24 -3.68 -22.08 27.64
C GLY A 24 -3.39 -21.07 26.55
N LYS A 25 -3.88 -21.27 25.31
CA LYS A 25 -3.70 -20.31 24.23
C LYS A 25 -5.04 -19.84 23.70
N ALA A 26 -5.09 -18.58 23.24
CA ALA A 26 -6.24 -18.06 22.54
C ALA A 26 -6.61 -18.95 21.36
N HIS A 27 -7.88 -19.29 21.25
CA HIS A 27 -8.26 -20.28 20.25
C HIS A 27 -9.73 -20.11 19.91
N GLY A 28 -10.05 -20.22 18.63
CA GLY A 28 -11.44 -20.12 18.21
C GLY A 28 -11.76 -18.70 17.83
N HIS A 29 -12.45 -17.97 18.69
CA HIS A 29 -12.73 -16.57 18.46
C HIS A 29 -12.46 -15.78 19.74
N GLY A 30 -12.06 -14.54 19.56
CA GLY A 30 -11.70 -13.76 20.73
C GLY A 30 -11.42 -12.31 20.43
N LEU A 31 -11.64 -11.47 21.42
CA LEU A 31 -11.43 -10.05 21.30
C LEU A 31 -10.35 -9.69 22.31
N CYS A 32 -9.40 -8.87 21.90
CA CYS A 32 -8.28 -8.51 22.76
C CYS A 32 -8.06 -7.01 22.69
N THR A 33 -8.00 -6.34 23.83
CA THR A 33 -7.74 -4.90 23.87
C THR A 33 -6.34 -4.62 24.41
N GLY A 34 -5.77 -3.49 24.00
CA GLY A 34 -4.44 -3.12 24.39
C GLY A 34 -4.37 -2.41 25.73
N PRO A 35 -3.23 -1.80 26.04
CA PRO A 35 -3.07 -1.11 27.33
C PRO A 35 -4.14 -0.05 27.51
N LYS A 36 -4.60 0.08 28.75
CA LYS A 36 -5.69 0.99 29.12
C LYS A 36 -6.97 0.72 28.34
N GLY A 37 -7.10 -0.48 27.78
CA GLY A 37 -8.19 -0.81 26.89
C GLY A 37 -8.16 -0.10 25.55
N GLN A 38 -6.98 0.37 25.13
CA GLN A 38 -6.86 1.12 23.88
C GLN A 38 -6.48 0.19 22.74
N GLY A 39 -7.25 0.25 21.65
CA GLY A 39 -7.01 -0.63 20.52
C GLY A 39 -7.63 -1.99 20.73
N GLU A 40 -8.09 -2.58 19.63
CA GLU A 40 -8.90 -3.79 19.73
C GLU A 40 -8.67 -4.69 18.53
N TYR A 41 -8.28 -5.93 18.76
CA TYR A 41 -8.41 -7.00 17.79
C TYR A 41 -9.69 -7.79 18.07
N SER A 42 -10.46 -8.07 17.03
CA SER A 42 -11.66 -8.89 17.15
C SER A 42 -11.65 -9.85 15.97
N GLY A 43 -11.59 -11.15 16.24
CA GLY A 43 -11.65 -12.09 15.13
C GLY A 43 -11.31 -13.50 15.58
N SER A 44 -10.83 -14.30 14.63
CA SER A 44 -10.53 -15.70 14.90
C SER A 44 -9.09 -15.85 15.37
N TRP A 45 -8.85 -16.95 16.10
CA TRP A 45 -7.55 -17.31 16.64
C TRP A 45 -7.30 -18.79 16.39
N ASN A 46 -6.03 -19.15 16.26
CA ASN A 46 -5.63 -20.55 16.27
C ASN A 46 -4.44 -20.68 17.21
N PHE A 47 -4.68 -21.31 18.38
CA PHE A 47 -3.66 -21.65 19.36
C PHE A 47 -2.63 -20.53 19.56
N GLY A 48 -3.14 -19.32 19.88
CA GLY A 48 -2.29 -18.22 20.27
C GLY A 48 -2.03 -17.19 19.19
N PHE A 49 -2.50 -17.40 17.96
CA PHE A 49 -2.24 -16.48 16.87
C PHE A 49 -3.55 -16.08 16.20
N GLU A 50 -3.70 -14.79 15.92
CA GLU A 50 -4.78 -14.32 15.07
C GLU A 50 -4.73 -14.99 13.69
N VAL A 51 -5.91 -15.16 13.10
CA VAL A 51 -6.00 -15.73 11.76
C VAL A 51 -6.66 -14.71 10.84
N ALA A 52 -7.88 -14.31 11.18
CA ALA A 52 -8.69 -13.44 10.33
C ALA A 52 -9.54 -12.58 11.25
N GLY A 53 -9.38 -11.27 11.16
CA GLY A 53 -10.11 -10.41 12.05
C GLY A 53 -9.77 -8.96 11.80
N VAL A 54 -10.33 -8.12 12.66
CA VAL A 54 -10.28 -6.68 12.48
C VAL A 54 -9.51 -6.07 13.64
N TYR A 55 -8.52 -5.25 13.33
CA TYR A 55 -7.89 -4.40 14.34
C TYR A 55 -8.41 -2.99 14.15
N THR A 56 -8.90 -2.39 15.23
CA THR A 56 -9.36 -1.01 15.22
C THR A 56 -8.48 -0.18 16.15
N TRP A 57 -7.87 0.88 15.61
CA TRP A 57 -7.14 1.83 16.44
C TRP A 57 -8.09 2.81 17.12
N PRO A 58 -7.66 3.45 18.22
CA PRO A 58 -8.52 4.44 18.89
C PRO A 58 -9.01 5.56 17.99
N SER A 59 -8.26 5.90 16.94
CA SER A 59 -8.69 6.90 15.97
C SER A 59 -9.84 6.42 15.09
N GLY A 60 -10.17 5.15 15.13
CA GLY A 60 -11.20 4.59 14.23
C GLY A 60 -10.60 3.96 12.99
N ASN A 61 -9.31 4.16 12.76
CA ASN A 61 -8.62 3.50 11.63
C ASN A 61 -8.71 1.98 11.81
N THR A 62 -8.65 1.23 10.72
CA THR A 62 -8.82 -0.23 10.79
C THR A 62 -7.95 -1.07 9.85
N PHE A 63 -7.61 -2.28 10.30
CA PHE A 63 -7.03 -3.30 9.42
C PHE A 63 -8.09 -4.41 9.42
N GLU A 64 -8.56 -4.81 8.25
CA GLU A 64 -9.55 -5.88 8.13
C GLU A 64 -8.96 -6.94 7.20
N GLY A 65 -8.61 -8.09 7.76
CA GLY A 65 -8.06 -9.11 6.88
C GLY A 65 -7.36 -10.23 7.62
N TYR A 66 -6.26 -10.74 7.03
CA TYR A 66 -5.60 -11.95 7.48
C TYR A 66 -4.31 -11.64 8.23
N TRP A 67 -3.95 -12.56 9.13
CA TRP A 67 -2.85 -12.43 10.07
C TRP A 67 -2.03 -13.72 10.05
N SER A 68 -0.74 -13.59 10.32
CA SER A 68 0.10 -14.76 10.52
C SER A 68 1.20 -14.39 11.49
N GLN A 69 1.44 -15.26 12.48
CA GLN A 69 2.53 -15.11 13.45
C GLN A 69 2.50 -13.76 14.15
N GLY A 70 1.30 -13.22 14.37
CA GLY A 70 1.15 -11.99 15.12
C GLY A 70 1.16 -10.72 14.29
N LYS A 71 1.13 -10.84 12.97
CA LYS A 71 1.29 -9.68 12.09
C LYS A 71 0.29 -9.77 10.94
N ARG A 72 -0.08 -8.60 10.42
CA ARG A 72 -0.80 -8.50 9.16
C ARG A 72 -0.05 -9.22 8.06
N HIS A 73 -0.72 -10.21 7.44
CA HIS A 73 -0.02 -11.07 6.50
C HIS A 73 -1.04 -11.77 5.63
N GLY A 74 -0.86 -11.68 4.31
N GLY A 74 -0.78 -11.77 4.32
CA GLY A 74 -1.81 -12.26 3.38
CA GLY A 74 -1.81 -12.16 3.39
C GLY A 74 -2.57 -11.24 2.55
C GLY A 74 -2.67 -10.95 3.06
N LEU A 75 -3.90 -11.22 2.67
CA LEU A 75 -4.75 -10.19 2.12
C LEU A 75 -5.40 -9.36 3.23
N GLY A 76 -5.67 -8.11 2.94
CA GLY A 76 -6.26 -7.24 3.93
C GLY A 76 -6.44 -5.83 3.40
N ILE A 77 -7.27 -5.09 4.10
CA ILE A 77 -7.59 -3.71 3.78
C ILE A 77 -7.30 -2.84 4.99
N GLU A 78 -6.52 -1.79 4.79
CA GLU A 78 -6.20 -0.82 5.84
CA GLU A 78 -6.23 -0.83 5.85
C GLU A 78 -6.81 0.53 5.48
N THR A 79 -7.62 1.08 6.40
CA THR A 79 -8.25 2.38 6.22
C THR A 79 -7.57 3.35 7.17
N LYS A 80 -6.86 4.34 6.63
CA LYS A 80 -6.08 5.25 7.45
C LYS A 80 -6.45 6.72 7.23
N GLY A 81 -7.69 7.03 6.84
CA GLY A 81 -8.09 8.42 6.79
C GLY A 81 -7.65 9.22 5.56
N ARG A 82 -6.38 9.59 5.47
CA ARG A 82 -5.90 10.20 4.23
C ARG A 82 -5.99 9.22 3.06
N TRP A 83 -5.94 7.90 3.31
CA TRP A 83 -6.01 6.95 2.21
C TRP A 83 -6.40 5.56 2.72
N LEU A 84 -6.56 4.66 1.75
CA LEU A 84 -6.94 3.26 1.95
C LEU A 84 -5.98 2.34 1.17
N TYR A 85 -5.56 1.25 1.77
CA TYR A 85 -4.75 0.24 1.08
C TYR A 85 -5.52 -1.07 1.01
N LYS A 86 -5.56 -1.68 -0.16
CA LYS A 86 -6.08 -3.04 -0.28
C LYS A 86 -5.15 -3.90 -1.13
N GLY A 87 -4.82 -5.08 -0.62
CA GLY A 87 -4.07 -6.05 -1.35
C GLY A 87 -3.26 -6.90 -0.39
N GLU A 88 -2.09 -7.28 -0.84
CA GLU A 88 -1.23 -8.18 -0.08
C GLU A 88 -0.50 -7.46 1.04
N TRP A 89 -0.25 -8.22 2.10
CA TRP A 89 0.57 -7.85 3.25
C TRP A 89 1.60 -8.95 3.46
N THR A 90 2.81 -8.56 3.85
CA THR A 90 3.91 -9.50 4.10
C THR A 90 4.50 -9.14 5.45
N HIS A 91 4.21 -9.94 6.46
CA HIS A 91 4.85 -9.81 7.78
C HIS A 91 4.75 -8.39 8.34
N GLY A 92 3.56 -7.81 8.25
CA GLY A 92 3.31 -6.50 8.83
C GLY A 92 3.42 -5.32 7.89
N PHE A 93 3.79 -5.54 6.64
CA PHE A 93 4.05 -4.45 5.70
C PHE A 93 3.20 -4.64 4.45
N LYS A 94 2.79 -3.52 3.86
CA LYS A 94 2.11 -3.56 2.56
C LYS A 94 2.98 -4.24 1.50
N GLY A 95 2.40 -5.16 0.74
CA GLY A 95 3.09 -5.78 -0.37
C GLY A 95 2.97 -7.29 -0.30
N ARG A 96 3.31 -7.91 -1.43
CA ARG A 96 4.00 -7.25 -2.55
C ARG A 96 3.10 -6.50 -3.49
N TYR A 97 1.88 -6.97 -3.73
CA TYR A 97 0.99 -6.36 -4.72
C TYR A 97 -0.22 -5.75 -4.03
N GLY A 98 -0.53 -4.53 -4.37
CA GLY A 98 -1.73 -3.90 -3.81
C GLY A 98 -1.96 -2.50 -4.32
N ILE A 99 -3.05 -1.92 -3.88
CA ILE A 99 -3.45 -0.57 -4.33
C ILE A 99 -3.63 0.37 -3.16
N ARG A 100 -3.08 1.57 -3.26
CA ARG A 100 -3.34 2.63 -2.27
C ARG A 100 -4.17 3.69 -2.98
N GLN A 101 -5.29 4.09 -2.40
CA GLN A 101 -6.22 5.03 -3.06
C GLN A 101 -6.59 6.15 -2.10
N SER A 102 -6.42 7.39 -2.56
CA SER A 102 -6.77 8.54 -1.74
C SER A 102 -8.25 8.55 -1.39
N SER A 103 -8.53 8.95 -0.14
CA SER A 103 -9.91 9.08 0.34
C SER A 103 -10.62 10.29 -0.26
N SER A 104 -9.88 11.32 -0.66
CA SER A 104 -10.52 12.56 -1.09
C SER A 104 -10.55 12.74 -2.60
N SER A 105 -9.55 12.21 -3.32
CA SER A 105 -9.38 12.55 -4.74
C SER A 105 -9.24 11.30 -5.60
N GLY A 106 -8.92 11.51 -6.87
CA GLY A 106 -8.67 10.37 -7.72
C GLY A 106 -7.32 9.68 -7.56
N ALA A 107 -6.43 10.22 -6.73
CA ALA A 107 -5.04 9.77 -6.75
C ALA A 107 -4.93 8.37 -6.19
N LYS A 108 -4.12 7.56 -6.85
CA LYS A 108 -3.90 6.18 -6.42
C LYS A 108 -2.56 5.68 -6.91
N TYR A 109 -2.07 4.64 -6.24
CA TYR A 109 -0.96 3.84 -6.76
C TYR A 109 -1.38 2.37 -6.84
N GLU A 110 -1.06 1.73 -7.96
CA GLU A 110 -1.39 0.34 -8.19
C GLU A 110 -0.14 -0.38 -8.69
N GLY A 111 0.36 -1.33 -7.92
CA GLY A 111 1.54 -2.02 -8.40
C GLY A 111 2.24 -2.73 -7.26
N THR A 112 3.56 -2.80 -7.37
CA THR A 112 4.33 -3.56 -6.40
C THR A 112 4.87 -2.63 -5.31
N TRP A 113 5.16 -3.25 -4.18
CA TRP A 113 5.64 -2.58 -2.99
C TRP A 113 6.81 -3.39 -2.45
N ASN A 114 7.75 -2.70 -1.79
CA ASN A 114 8.83 -3.37 -1.07
C ASN A 114 9.12 -2.62 0.22
N ASN A 115 9.18 -3.36 1.34
CA ASN A 115 9.36 -2.78 2.67
C ASN A 115 8.31 -1.71 2.95
N GLY A 116 7.09 -1.94 2.47
CA GLY A 116 5.99 -1.01 2.70
C GLY A 116 6.00 0.23 1.84
N LEU A 117 6.87 0.31 0.84
CA LEU A 117 6.99 1.48 0.00
C LEU A 117 6.72 1.10 -1.46
N GLN A 118 6.23 2.06 -2.24
CA GLN A 118 6.09 1.86 -3.67
C GLN A 118 7.47 1.54 -4.25
N ASP A 119 7.60 0.38 -4.87
CA ASP A 119 8.93 -0.10 -5.22
C ASP A 119 8.83 -1.27 -6.19
N GLY A 120 9.52 -1.16 -7.32
CA GLY A 120 9.38 -2.13 -8.37
C GLY A 120 8.75 -1.53 -9.61
N TYR A 121 7.51 -1.89 -9.89
CA TYR A 121 6.77 -1.43 -11.07
C TYR A 121 5.34 -1.12 -10.67
N GLY A 122 4.78 -0.05 -11.22
CA GLY A 122 3.37 0.19 -11.01
C GLY A 122 2.90 1.41 -11.75
N THR A 123 1.62 1.72 -11.56
CA THR A 123 0.96 2.86 -12.16
C THR A 123 0.54 3.80 -11.03
N GLU A 124 1.04 5.03 -11.06
CA GLU A 124 0.59 6.07 -10.15
C GLU A 124 -0.27 7.04 -10.93
N THR A 125 -1.52 7.19 -10.49
CA THR A 125 -2.47 8.13 -11.06
C THR A 125 -2.57 9.33 -10.11
N TYR A 126 -2.41 10.53 -10.66
CA TYR A 126 -2.38 11.72 -9.85
C TYR A 126 -3.79 12.34 -9.75
N ALA A 127 -3.91 13.32 -8.85
CA ALA A 127 -5.18 14.03 -8.67
C ALA A 127 -5.71 14.58 -9.99
N ASP A 128 -4.86 15.20 -10.82
CA ASP A 128 -5.36 15.80 -12.04
C ASP A 128 -5.60 14.78 -13.17
N GLY A 129 -5.52 13.48 -12.88
CA GLY A 129 -5.86 12.44 -13.84
C GLY A 129 -4.71 11.94 -14.68
N GLY A 130 -3.54 12.56 -14.59
CA GLY A 130 -2.34 12.14 -15.26
C GLY A 130 -1.70 10.95 -14.52
N THR A 131 -0.77 10.28 -15.20
CA THR A 131 -0.23 9.03 -14.72
C THR A 131 1.29 8.98 -14.85
N TYR A 132 1.86 8.09 -14.03
CA TYR A 132 3.21 7.56 -14.22
C TYR A 132 3.09 6.06 -14.26
N GLN A 133 3.84 5.45 -15.18
CA GLN A 133 3.84 4.00 -15.35
C GLN A 133 5.28 3.58 -15.62
N GLY A 134 5.82 2.72 -14.76
CA GLY A 134 7.21 2.32 -14.88
C GLY A 134 7.80 2.02 -13.52
N GLN A 135 9.08 2.33 -13.36
CA GLN A 135 9.87 1.86 -12.23
C GLN A 135 9.79 2.80 -11.03
N PHE A 136 9.78 2.19 -9.84
CA PHE A 136 9.86 2.88 -8.55
C PHE A 136 10.96 2.26 -7.72
N THR A 137 11.65 3.10 -6.95
CA THR A 137 12.59 2.62 -5.94
C THR A 137 12.37 3.44 -4.69
N ASN A 138 12.03 2.76 -3.59
CA ASN A 138 11.87 3.39 -2.28
C ASN A 138 10.87 4.56 -2.31
N GLY A 139 9.74 4.34 -2.95
CA GLY A 139 8.69 5.33 -2.99
C GLY A 139 8.81 6.37 -4.09
N MET A 140 9.89 6.34 -4.87
CA MET A 140 10.17 7.39 -5.83
C MET A 140 10.27 6.82 -7.23
N ARG A 141 9.91 7.65 -8.20
CA ARG A 141 10.14 7.35 -9.61
C ARG A 141 11.64 7.34 -9.88
N HIS A 142 12.16 6.19 -10.26
CA HIS A 142 13.58 5.94 -10.31
C HIS A 142 13.82 4.76 -11.24
N GLY A 143 14.58 4.98 -12.31
CA GLY A 143 14.75 3.98 -13.34
C GLY A 143 14.30 4.52 -14.69
N TYR A 144 13.42 3.79 -15.37
CA TYR A 144 12.75 4.27 -16.57
C TYR A 144 11.24 4.20 -16.36
N GLY A 145 10.53 5.13 -16.96
CA GLY A 145 9.08 5.15 -16.88
C GLY A 145 8.53 6.25 -17.74
N VAL A 146 7.20 6.26 -17.84
CA VAL A 146 6.48 7.15 -18.74
C VAL A 146 5.57 8.03 -17.89
N ARG A 147 5.81 9.34 -17.96
CA ARG A 147 5.01 10.36 -17.29
C ARG A 147 4.05 10.95 -18.31
N GLN A 148 2.76 10.68 -18.14
CA GLN A 148 1.73 11.25 -18.97
C GLN A 148 1.10 12.44 -18.25
N SER A 149 0.83 13.50 -18.99
CA SER A 149 0.17 14.67 -18.43
C SER A 149 -1.29 14.72 -18.90
N VAL A 150 -2.01 15.73 -18.42
CA VAL A 150 -3.41 15.89 -18.75
C VAL A 150 -3.63 17.26 -19.41
N THR A 178 -1.64 17.15 -24.18
CA THR A 178 -1.47 15.72 -23.92
C THR A 178 0.01 15.34 -23.90
N GLU A 179 0.78 16.05 -23.07
CA GLU A 179 2.22 15.85 -23.03
C GLU A 179 2.59 14.51 -22.40
N THR A 180 3.75 13.99 -22.78
CA THR A 180 4.23 12.72 -22.26
C THR A 180 5.75 12.73 -22.21
N TYR A 181 6.30 12.34 -21.06
CA TYR A 181 7.74 12.14 -20.92
C TYR A 181 8.02 10.64 -20.91
N MET A 182 9.05 10.23 -21.64
CA MET A 182 9.47 8.83 -21.68
C MET A 182 10.98 8.83 -21.50
N GLY A 183 11.45 8.28 -20.38
CA GLY A 183 12.89 8.34 -20.23
C GLY A 183 13.34 8.00 -18.81
N GLU A 184 14.47 8.59 -18.43
CA GLU A 184 15.17 8.21 -17.22
C GLU A 184 14.69 9.03 -16.04
N TRP A 185 14.76 8.43 -14.85
CA TRP A 185 14.33 9.03 -13.60
C TRP A 185 15.35 8.72 -12.53
N LYS A 186 15.54 9.67 -11.62
CA LYS A 186 16.48 9.52 -10.52
C LYS A 186 15.94 10.32 -9.34
N ASN A 187 15.60 9.62 -8.25
CA ASN A 187 15.09 10.26 -7.03
C ASN A 187 13.88 11.14 -7.33
N ASP A 188 12.94 10.57 -8.10
CA ASP A 188 11.62 11.13 -8.39
C ASP A 188 11.63 12.25 -9.41
N LYS A 189 12.76 12.49 -10.09
CA LYS A 189 12.85 13.55 -11.07
C LYS A 189 13.46 13.02 -12.38
N ARG A 190 13.05 13.63 -13.48
CA ARG A 190 13.68 13.37 -14.76
C ARG A 190 15.17 13.69 -14.68
N SER A 191 16.00 12.69 -14.98
CA SER A 191 17.44 12.82 -14.76
C SER A 191 18.14 11.75 -15.58
N GLY A 192 18.97 12.19 -16.53
CA GLY A 192 19.53 11.33 -17.54
C GLY A 192 18.90 11.57 -18.89
N PHE A 193 19.02 10.59 -19.76
CA PHE A 193 18.44 10.69 -21.10
C PHE A 193 16.94 10.49 -21.05
N GLY A 194 16.21 11.39 -21.69
CA GLY A 194 14.76 11.26 -21.77
C GLY A 194 14.21 12.09 -22.90
N VAL A 195 13.00 11.72 -23.33
CA VAL A 195 12.30 12.37 -24.42
C VAL A 195 10.98 12.93 -23.89
N SER A 196 10.75 14.22 -24.13
CA SER A 196 9.50 14.88 -23.78
C SER A 196 8.85 15.35 -25.07
N GLU A 197 7.64 14.87 -25.34
CA GLU A 197 6.93 15.22 -26.57
C GLU A 197 5.49 15.61 -26.23
N ARG A 198 5.11 16.83 -26.61
CA ARG A 198 3.76 17.32 -26.47
C ARG A 198 2.94 17.02 -27.72
N SER A 199 1.62 16.96 -27.56
CA SER A 199 0.72 16.66 -28.67
C SER A 199 0.68 17.78 -29.71
N SER A 200 1.47 18.84 -29.52
CA SER A 200 1.64 19.89 -30.52
C SER A 200 2.84 19.65 -31.42
N GLY A 201 3.64 18.63 -31.14
CA GLY A 201 4.87 18.40 -31.84
C GLY A 201 6.09 18.99 -31.16
N LEU A 202 5.90 19.92 -30.24
CA LEU A 202 7.02 20.44 -29.45
C LEU A 202 7.65 19.30 -28.66
N ARG A 203 8.86 18.89 -29.05
CA ARG A 203 9.53 17.78 -28.41
C ARG A 203 10.96 18.17 -28.04
N TYR A 204 11.50 17.49 -27.04
CA TYR A 204 12.89 17.64 -26.63
C TYR A 204 13.50 16.26 -26.47
N GLU A 205 14.65 16.05 -27.11
CA GLU A 205 15.43 14.83 -26.99
C GLU A 205 16.83 15.19 -26.55
N GLY A 206 17.23 14.73 -25.37
CA GLY A 206 18.58 14.97 -24.88
C GLY A 206 18.78 14.52 -23.46
N GLU A 207 19.64 15.24 -22.75
CA GLU A 207 19.95 14.98 -21.36
C GLU A 207 19.13 15.88 -20.45
N TRP A 208 18.90 15.43 -19.22
CA TRP A 208 18.07 16.13 -18.26
C TRP A 208 18.77 16.21 -16.91
N LEU A 209 18.33 17.17 -16.09
CA LEU A 209 18.71 17.22 -14.68
C LEU A 209 17.63 17.97 -13.92
N ASP A 210 16.95 17.27 -12.99
CA ASP A 210 15.98 17.86 -12.07
C ASP A 210 14.79 18.49 -12.79
N ASN A 211 14.12 17.66 -13.59
CA ASN A 211 12.93 18.07 -14.34
C ASN A 211 13.22 19.25 -15.26
N LEU A 212 14.47 19.41 -15.66
CA LEU A 212 14.89 20.56 -16.45
C LEU A 212 15.82 20.11 -17.55
N ARG A 213 15.57 20.59 -18.76
CA ARG A 213 16.47 20.36 -19.88
C ARG A 213 17.88 20.81 -19.50
N HIS A 214 18.84 19.90 -19.62
CA HIS A 214 20.18 20.14 -19.08
C HIS A 214 21.15 19.14 -19.72
N GLY A 215 22.08 19.66 -20.50
CA GLY A 215 23.04 18.83 -21.22
C GLY A 215 22.82 18.93 -22.72
N TYR A 216 23.44 18.00 -23.43
CA TYR A 216 23.32 17.96 -24.88
C TYR A 216 21.93 17.48 -25.28
N GLY A 217 21.31 18.16 -26.23
CA GLY A 217 20.01 17.77 -26.71
C GLY A 217 19.23 18.88 -27.37
N CYS A 218 18.58 18.58 -28.49
CA CYS A 218 17.88 19.57 -29.28
C CYS A 218 16.40 19.63 -28.89
N THR A 219 15.68 20.57 -29.50
CA THR A 219 14.24 20.71 -29.29
C THR A 219 13.60 20.96 -30.66
N THR A 220 12.67 20.11 -31.05
CA THR A 220 12.00 20.25 -32.33
C THR A 220 10.67 20.97 -32.16
N LEU A 221 10.39 21.90 -33.06
CA LEU A 221 9.19 22.72 -33.04
C LEU A 221 8.04 22.00 -33.73
N PRO A 222 6.80 22.48 -33.57
CA PRO A 222 5.69 21.90 -34.33
C PRO A 222 5.86 22.02 -35.84
N ASP A 223 6.27 23.19 -36.34
CA ASP A 223 6.51 23.34 -37.76
C ASP A 223 7.70 22.50 -38.21
N GLY A 224 8.70 22.33 -37.35
CA GLY A 224 9.85 21.51 -37.67
C GLY A 224 11.17 22.17 -37.32
N HIS A 225 11.11 23.39 -36.80
CA HIS A 225 12.31 24.17 -36.50
C HIS A 225 13.07 23.54 -35.33
N ARG A 226 14.24 23.00 -35.61
CA ARG A 226 15.09 22.45 -34.56
C ARG A 226 15.85 23.57 -33.86
N GLU A 227 16.11 23.38 -32.57
CA GLU A 227 16.67 24.46 -31.76
C GLU A 227 17.98 24.10 -31.08
N GLU A 228 18.16 24.55 -29.84
CA GLU A 228 19.47 24.63 -29.21
C GLU A 228 20.12 23.26 -29.03
N GLY A 229 21.44 23.21 -29.21
CA GLY A 229 22.21 22.00 -29.00
C GLY A 229 22.52 21.70 -27.55
N LYS A 230 23.22 22.62 -26.88
CA LYS A 230 23.62 22.42 -25.49
C LYS A 230 22.77 23.30 -24.57
N TYR A 231 22.11 22.68 -23.60
CA TYR A 231 21.32 23.42 -22.61
C TYR A 231 22.12 23.66 -21.33
N GLN A 254 27.13 17.25 -33.50
CA GLN A 254 28.21 16.44 -32.94
C GLN A 254 27.70 15.56 -31.80
N LYS A 255 28.15 15.87 -30.58
CA LYS A 255 27.82 15.06 -29.41
C LYS A 255 26.35 15.17 -29.02
N VAL A 256 25.61 16.01 -29.75
CA VAL A 256 24.16 16.09 -29.54
C VAL A 256 23.46 14.91 -30.21
N GLU A 257 23.90 14.51 -31.40
CA GLU A 257 23.37 13.30 -32.01
C GLU A 257 23.55 12.09 -31.10
N HIS A 258 24.61 12.10 -30.27
CA HIS A 258 24.80 11.04 -29.29
C HIS A 258 23.79 11.15 -28.15
N SER A 259 23.53 12.39 -27.68
CA SER A 259 22.55 12.56 -26.62
C SER A 259 21.12 12.35 -27.11
N VAL A 260 20.84 12.64 -28.39
CA VAL A 260 19.52 12.35 -28.91
C VAL A 260 19.33 10.85 -29.11
N GLU A 261 20.37 10.16 -29.61
CA GLU A 261 20.30 8.70 -29.70
C GLU A 261 20.12 8.08 -28.33
N GLY A 262 20.82 8.59 -27.31
CA GLY A 262 20.61 8.10 -25.96
C GLY A 262 19.24 8.42 -25.41
N ALA A 263 18.69 9.58 -25.79
CA ALA A 263 17.36 9.95 -25.35
C ALA A 263 16.31 9.01 -25.94
N GLN A 264 16.34 8.83 -27.25
CA GLN A 264 15.36 7.98 -27.93
C GLN A 264 15.49 6.52 -27.52
N ARG A 265 16.71 6.08 -27.19
CA ARG A 265 16.87 4.74 -26.63
C ARG A 265 16.22 4.62 -25.25
N ALA A 266 16.40 5.64 -24.39
CA ALA A 266 15.83 5.60 -23.06
C ALA A 266 14.30 5.71 -23.11
N ALA A 267 13.78 6.44 -24.08
CA ALA A 267 12.33 6.51 -24.26
C ALA A 267 11.77 5.16 -24.68
N ALA A 268 12.48 4.46 -25.57
CA ALA A 268 12.08 3.11 -25.94
C ALA A 268 12.09 2.19 -24.73
N ILE A 269 13.15 2.26 -23.93
CA ILE A 269 13.22 1.46 -22.71
C ILE A 269 12.05 1.80 -21.80
N ALA A 270 11.83 3.10 -21.59
CA ALA A 270 10.76 3.55 -20.70
C ALA A 270 9.41 2.97 -21.12
N ARG A 271 9.16 2.91 -22.42
CA ARG A 271 7.90 2.33 -22.90
C ARG A 271 7.81 0.85 -22.57
N GLN A 272 8.93 0.13 -22.62
CA GLN A 272 8.91 -1.27 -22.21
C GLN A 272 8.69 -1.39 -20.69
N LYS A 273 9.34 -0.53 -19.92
CA LYS A 273 9.16 -0.57 -18.47
C LYS A 273 7.72 -0.26 -18.10
N ALA A 274 7.05 0.61 -18.88
CA ALA A 274 5.66 0.89 -18.59
C ALA A 274 4.79 -0.32 -18.90
N GLU A 275 5.11 -1.06 -19.96
CA GLU A 275 4.42 -2.30 -20.26
C GLU A 275 4.51 -3.27 -19.09
N ILE A 276 5.71 -3.46 -18.53
CA ILE A 276 5.86 -4.33 -17.36
C ILE A 276 4.99 -3.79 -16.23
N ALA A 277 5.08 -2.49 -15.98
CA ALA A 277 4.29 -1.85 -14.95
C ALA A 277 2.81 -2.11 -15.16
N ALA A 278 2.32 -1.98 -16.40
CA ALA A 278 0.91 -2.25 -16.67
C ALA A 278 0.53 -3.68 -16.30
N SER A 279 1.39 -4.68 -16.54
CA SER A 279 1.09 -6.07 -16.10
C SER A 279 1.02 -6.15 -14.57
N ARG A 280 1.98 -5.54 -13.89
CA ARG A 280 2.04 -5.55 -12.42
C ARG A 280 0.79 -4.87 -11.84
N THR A 281 0.36 -3.77 -12.42
CA THR A 281 -0.84 -3.00 -11.98
C THR A 281 -2.06 -3.91 -12.08
N SER A 282 -2.15 -4.65 -13.18
CA SER A 282 -3.28 -5.56 -13.37
CA SER A 282 -3.29 -5.54 -13.35
C SER A 282 -3.33 -6.60 -12.27
N HIS A 283 -2.20 -7.20 -11.92
CA HIS A 283 -2.16 -8.17 -10.81
C HIS A 283 -2.50 -7.50 -9.48
N ALA A 284 -1.98 -6.32 -9.23
CA ALA A 284 -2.30 -5.56 -8.00
C ALA A 284 -3.81 -5.33 -7.92
N LYS A 285 -4.43 -5.08 -9.08
CA LYS A 285 -5.88 -4.87 -9.06
C LYS A 285 -6.61 -6.15 -8.68
N ALA A 286 -6.15 -7.29 -9.20
CA ALA A 286 -6.74 -8.57 -8.82
C ALA A 286 -6.50 -8.88 -7.34
N LYS A 287 -5.36 -8.49 -6.79
CA LYS A 287 -5.13 -8.79 -5.38
C LYS A 287 -5.88 -7.84 -4.46
N ALA A 288 -6.11 -6.60 -4.90
CA ALA A 288 -6.96 -5.69 -4.14
C ALA A 288 -8.38 -6.22 -4.06
N GLU A 289 -8.85 -6.89 -5.12
CA GLU A 289 -10.20 -7.42 -5.12
C GLU A 289 -10.30 -8.66 -4.24
N ALA A 290 -9.27 -9.51 -4.27
CA ALA A 290 -9.20 -10.60 -3.31
C ALA A 290 -9.17 -10.06 -1.88
N ALA A 291 -8.55 -8.89 -1.67
CA ALA A 291 -8.50 -8.34 -0.32
C ALA A 291 -9.86 -7.82 0.13
N GLU A 292 -10.74 -7.44 -0.82
CA GLU A 292 -12.12 -7.08 -0.43
C GLU A 292 -12.82 -8.30 0.16
N GLN A 293 -12.58 -9.48 -0.40
CA GLN A 293 -13.15 -10.70 0.15
C GLN A 293 -12.50 -11.07 1.47
N ALA A 294 -11.21 -10.77 1.62
CA ALA A 294 -10.52 -11.01 2.88
C ALA A 294 -11.07 -10.14 3.99
N ALA A 295 -11.36 -8.87 3.67
CA ALA A 295 -11.93 -7.96 4.66
C ALA A 295 -13.30 -8.44 5.13
N LEU A 296 -14.11 -8.96 4.21
CA LEU A 296 -15.44 -9.45 4.56
C LEU A 296 -15.34 -10.69 5.43
N ALA A 297 -14.42 -11.61 5.11
CA ALA A 297 -14.20 -12.75 5.98
C ALA A 297 -13.73 -12.31 7.36
N ALA A 298 -12.83 -11.34 7.42
CA ALA A 298 -12.35 -10.87 8.71
C ALA A 298 -13.50 -10.30 9.55
N ASN A 299 -14.42 -9.55 8.92
CA ASN A 299 -15.52 -8.99 9.68
C ASN A 299 -16.48 -10.07 10.15
N GLN A 300 -16.62 -11.15 9.38
CA GLN A 300 -17.41 -12.29 9.80
C GLN A 300 -16.85 -12.91 11.10
N GLU A 301 -15.53 -13.11 11.16
CA GLU A 301 -14.95 -13.66 12.39
C GLU A 301 -15.03 -12.65 13.53
N SER A 302 -14.87 -11.37 13.21
CA SER A 302 -14.97 -10.34 14.25
C SER A 302 -16.34 -10.34 14.92
N ASN A 303 -17.41 -10.44 14.12
CA ASN A 303 -18.76 -10.45 14.69
C ASN A 303 -19.02 -11.69 15.52
N ILE A 304 -18.49 -12.85 15.10
CA ILE A 304 -18.58 -14.03 15.93
C ILE A 304 -17.86 -13.81 17.25
N ALA A 305 -16.71 -13.12 17.21
CA ALA A 305 -15.94 -12.87 18.42
C ALA A 305 -16.65 -11.87 19.33
N ARG A 306 -17.30 -10.86 18.75
CA ARG A 306 -18.08 -9.94 19.57
C ARG A 306 -19.20 -10.67 20.28
N THR A 307 -19.91 -11.56 19.57
CA THR A 307 -21.02 -12.30 20.17
C THR A 307 -20.54 -13.17 21.32
N LEU A 308 -19.43 -13.88 21.11
CA LEU A 308 -18.91 -14.77 22.14
C LEU A 308 -18.49 -13.98 23.36
N ALA A 309 -17.74 -12.90 23.15
CA ALA A 309 -17.33 -12.03 24.24
C ALA A 309 -18.55 -11.46 24.96
N ARG A 310 -19.63 -11.17 24.23
CA ARG A 310 -20.86 -10.71 24.88
C ARG A 310 -21.43 -11.80 25.78
N GLU A 311 -21.47 -13.05 25.30
CA GLU A 311 -21.97 -14.15 26.13
C GLU A 311 -21.03 -14.41 27.31
N LEU A 312 -19.72 -14.44 27.05
CA LEU A 312 -18.75 -14.80 28.08
C LEU A 312 -18.61 -13.71 29.14
N ALA A 313 -18.67 -12.45 28.73
CA ALA A 313 -18.50 -11.32 29.66
C ALA A 313 -19.45 -10.22 29.26
N PRO A 314 -20.71 -10.29 29.72
CA PRO A 314 -21.68 -9.25 29.35
C PRO A 314 -21.25 -7.85 29.73
N ASP A 315 -20.42 -7.71 30.76
CA ASP A 315 -20.08 -6.39 31.28
C ASP A 315 -18.81 -5.81 30.66
N PHE A 316 -18.07 -6.58 29.86
CA PHE A 316 -16.80 -6.10 29.33
C PHE A 316 -17.03 -5.12 28.18
N TYR A 317 -16.38 -3.97 28.26
CA TYR A 317 -16.55 -2.93 27.25
C TYR A 317 -15.71 -3.24 26.02
N GLN A 318 -16.37 -3.42 24.88
CA GLN A 318 -15.70 -3.62 23.59
C GLN A 318 -15.50 -2.27 22.93
N PRO A 319 -14.27 -1.73 22.88
CA PRO A 319 -14.12 -0.33 22.48
C PRO A 319 -14.22 -0.08 20.98
N GLY A 320 -14.08 -1.11 20.13
CA GLY A 320 -13.99 -0.96 18.69
C GLY A 320 -15.14 -0.20 18.03
N PRO A 321 -16.39 -0.55 18.34
CA PRO A 321 -17.52 0.18 17.72
C PRO A 321 -17.51 1.68 18.00
N GLU A 322 -17.19 2.09 19.23
CA GLU A 322 -17.18 3.52 19.55
C GLU A 322 -16.03 4.24 18.85
N TYR A 323 -14.88 3.57 18.69
CA TYR A 323 -13.80 4.13 17.86
C TYR A 323 -14.29 4.46 16.47
N GLN A 324 -14.91 3.47 15.80
CA GLN A 324 -15.36 3.65 14.43
C GLN A 324 -16.56 4.58 14.30
N LYS A 325 -17.19 4.98 15.41
CA LYS A 325 -18.55 5.56 15.38
C LYS A 325 -18.61 6.87 14.60
N ARG A 326 -17.66 7.77 14.84
CA ARG A 326 -17.70 9.07 14.17
C ARG A 326 -16.59 9.25 13.16
N ARG A 327 -15.75 8.23 12.95
CA ARG A 327 -14.72 8.23 11.93
C ARG A 327 -15.28 8.26 10.53
N GLU B 2 0.70 5.52 14.12
CA GLU B 2 -0.17 4.43 14.56
C GLU B 2 0.48 3.07 14.33
N ARG B 3 0.50 2.30 15.41
CA ARG B 3 1.28 1.08 15.52
C ARG B 3 0.39 0.03 16.17
N ILE B 4 0.59 -1.24 15.84
CA ILE B 4 -0.28 -2.28 16.39
C ILE B 4 0.32 -2.82 17.68
N PHE B 5 -0.43 -2.69 18.76
CA PHE B 5 -0.06 -3.34 20.00
C PHE B 5 -0.45 -4.81 19.95
N ARG B 6 0.46 -5.67 20.39
CA ARG B 6 0.14 -7.08 20.54
C ARG B 6 0.85 -7.59 21.79
N ARG B 7 0.10 -8.27 22.66
CA ARG B 7 0.66 -8.76 23.91
C ARG B 7 1.58 -9.96 23.68
N THR B 8 2.46 -10.19 24.65
CA THR B 8 3.49 -11.20 24.59
C THR B 8 3.17 -12.36 25.53
N GLY B 9 3.44 -13.60 25.06
CA GLY B 9 3.34 -14.84 25.83
C GLY B 9 1.95 -15.21 26.37
N GLY B 10 1.95 -16.20 27.27
CA GLY B 10 0.76 -16.70 27.92
C GLY B 10 -0.29 -17.25 26.96
N LEU B 11 -1.39 -16.51 26.84
CA LEU B 11 -2.43 -16.84 25.86
C LEU B 11 -1.95 -16.67 24.42
N PHE B 12 -0.91 -15.89 24.19
CA PHE B 12 -0.52 -15.51 22.83
C PHE B 12 0.82 -16.14 22.44
N GLY B 13 0.91 -16.60 21.19
CA GLY B 13 2.16 -17.16 20.71
C GLY B 13 3.25 -16.11 20.66
N GLN B 14 4.49 -16.54 20.87
CA GLN B 14 5.63 -15.64 20.74
C GLN B 14 5.81 -15.21 19.29
N VAL B 15 6.33 -14.01 19.09
CA VAL B 15 6.39 -13.38 17.76
C VAL B 15 7.82 -13.20 17.28
N ASP B 16 8.69 -12.60 18.09
CA ASP B 16 10.08 -12.38 17.71
C ASP B 16 10.89 -11.86 18.88
#